data_7ZMF
#
_entry.id   7ZMF
#
_cell.length_a   72.380
_cell.length_b   197.360
_cell.length_c   39.170
_cell.angle_alpha   90.000
_cell.angle_beta   90.000
_cell.angle_gamma   90.000
#
_symmetry.space_group_name_H-M   'P 21 21 2'
#
loop_
_entity.id
_entity.type
_entity.pdbx_description
1 polymer 'Putative polyketide synthase'
2 non-polymer 'MAGNESIUM ION'
3 non-polymer GLYCEROL
4 water water
#
_entity_poly.entity_id   1
_entity_poly.type   'polypeptide(L)'
_entity_poly.pdbx_seq_one_letter_code
;GPSSTGVGVIHPFLHQNTSDFMEQRFSSMFTGQEFFLSDHVIKGQRVLPSAAYLEMARAAIQQATGGLDSERELEGLRFK
NVVWTQPLAVGPEPVQAHIELYPEANGEIVFEIYSDSKQDRDQTTEIVHSQGSAVLCSIPDIPSFDLSVLQEQCSLRTLS
AEQCYDAFKKMGVDYGPAHRGIEQILIGQEQVLAKLSLPSSVVKTQGQFGLHPSLLDAALQSSLGLMMATSDFSLILPFA
LEEMVIVGDCSSSMWALIRYREGSKAGDRVEKFDIDLCDENGNVQVRMKGFSTRKIANVSVRSA
;
_entity_poly.pdbx_strand_id   A,B
#
# COMPACT_ATOMS: atom_id res chain seq x y z
N GLY A 8 3.79 6.27 -8.44
CA GLY A 8 3.48 5.54 -9.66
C GLY A 8 2.87 4.18 -9.38
N VAL A 9 2.73 3.37 -10.43
CA VAL A 9 2.12 2.06 -10.31
C VAL A 9 3.20 1.03 -10.00
N ILE A 10 2.84 0.03 -9.20
CA ILE A 10 3.75 -1.07 -8.91
C ILE A 10 4.02 -1.88 -10.17
N HIS A 11 3.01 -2.04 -11.02
CA HIS A 11 3.03 -2.96 -12.16
C HIS A 11 1.82 -2.59 -13.01
N PRO A 12 1.94 -2.68 -14.35
CA PRO A 12 0.81 -2.26 -15.21
C PRO A 12 -0.51 -2.89 -14.83
N PHE A 13 -0.46 -4.05 -14.17
CA PHE A 13 -1.67 -4.71 -13.69
C PHE A 13 -1.87 -4.59 -12.19
N LEU A 14 -0.89 -4.05 -11.46
CA LEU A 14 -0.98 -3.81 -10.01
C LEU A 14 -0.67 -2.34 -9.75
N HIS A 15 -1.71 -1.52 -9.70
CA HIS A 15 -1.50 -0.09 -9.54
C HIS A 15 -1.08 0.26 -8.11
N GLN A 16 -1.72 -0.32 -7.10
CA GLN A 16 -1.41 0.02 -5.73
C GLN A 16 -1.73 -1.13 -4.80
N ASN A 17 -0.94 -1.22 -3.74
CA ASN A 17 -1.18 -2.20 -2.67
C ASN A 17 -2.25 -1.65 -1.73
N THR A 18 -3.27 -2.46 -1.47
CA THR A 18 -4.37 -2.07 -0.59
C THR A 18 -4.62 -3.13 0.47
N SER A 19 -3.58 -3.87 0.84
CA SER A 19 -3.76 -4.92 1.84
C SER A 19 -4.20 -4.34 3.19
N ASP A 20 -4.93 -5.15 3.95
CA ASP A 20 -5.35 -4.82 5.30
C ASP A 20 -5.12 -6.05 6.17
N PHE A 21 -5.49 -5.94 7.45
CA PHE A 21 -5.28 -7.05 8.37
C PHE A 21 -5.98 -8.31 7.90
N MET A 22 -7.03 -8.18 7.09
CA MET A 22 -7.79 -9.36 6.68
C MET A 22 -7.18 -10.06 5.48
N GLU A 23 -6.76 -9.31 4.47
CA GLU A 23 -6.35 -9.88 3.20
C GLU A 23 -5.18 -9.12 2.61
N GLN A 24 -4.29 -9.85 1.94
CA GLN A 24 -3.37 -9.23 1.00
C GLN A 24 -4.15 -8.85 -0.26
N ARG A 25 -3.94 -7.62 -0.74
CA ARG A 25 -4.76 -7.12 -1.83
C ARG A 25 -3.99 -6.06 -2.63
N PHE A 26 -4.21 -6.07 -3.94
CA PHE A 26 -3.76 -5.03 -4.85
C PHE A 26 -4.95 -4.56 -5.67
N SER A 27 -4.92 -3.31 -6.09
CA SER A 27 -6.03 -2.68 -6.79
C SER A 27 -5.52 -1.91 -7.99
N SER A 28 -6.32 -1.91 -9.05
CA SER A 28 -5.93 -1.28 -10.31
C SER A 28 -7.17 -0.70 -10.96
N MET A 29 -7.07 0.53 -11.46
CA MET A 29 -8.15 1.18 -12.18
C MET A 29 -7.78 1.19 -13.66
N PHE A 30 -8.48 0.37 -14.45
CA PHE A 30 -8.24 0.26 -15.86
C PHE A 30 -9.12 1.24 -16.63
N THR A 31 -8.49 2.08 -17.45
CA THR A 31 -9.21 3.11 -18.18
C THR A 31 -9.66 2.67 -19.55
N GLY A 32 -9.00 1.67 -20.13
CA GLY A 32 -9.28 1.24 -21.48
C GLY A 32 -8.33 1.81 -22.51
N GLN A 33 -7.44 2.71 -22.10
CA GLN A 33 -6.44 3.26 -23.00
C GLN A 33 -5.17 2.43 -23.04
N GLU A 34 -4.97 1.54 -22.07
CA GLU A 34 -3.79 0.69 -22.07
C GLU A 34 -3.79 -0.23 -23.30
N PHE A 35 -2.59 -0.58 -23.76
CA PHE A 35 -2.48 -1.35 -24.99
C PHE A 35 -3.18 -2.70 -24.88
N PHE A 36 -3.16 -3.31 -23.68
CA PHE A 36 -3.78 -4.61 -23.49
C PHE A 36 -5.29 -4.56 -23.43
N LEU A 37 -5.89 -3.38 -23.62
CA LEU A 37 -7.33 -3.23 -23.68
C LEU A 37 -7.81 -2.63 -24.99
N SER A 38 -7.20 -1.53 -25.42
CA SER A 38 -7.62 -0.89 -26.66
C SER A 38 -7.31 -1.75 -27.88
N ASP A 39 -6.23 -2.52 -27.85
CA ASP A 39 -5.86 -3.39 -28.95
C ASP A 39 -6.34 -4.83 -28.76
N HIS A 40 -7.21 -5.07 -27.79
CA HIS A 40 -7.77 -6.41 -27.52
C HIS A 40 -9.29 -6.25 -27.40
N VAL A 41 -9.96 -6.14 -28.55
CA VAL A 41 -11.40 -5.88 -28.60
C VAL A 41 -12.08 -7.14 -29.09
N ILE A 42 -12.99 -7.67 -28.28
CA ILE A 42 -13.77 -8.87 -28.61
C ILE A 42 -15.23 -8.48 -28.66
N LYS A 43 -15.85 -8.65 -29.82
CA LYS A 43 -17.28 -8.37 -30.01
C LYS A 43 -17.61 -6.92 -29.71
N GLY A 44 -16.70 -6.02 -30.05
CA GLY A 44 -16.94 -4.60 -29.91
C GLY A 44 -16.56 -3.99 -28.57
N GLN A 45 -16.08 -4.81 -27.63
CA GLN A 45 -15.74 -4.33 -26.30
C GLN A 45 -14.27 -4.58 -25.99
N ARG A 46 -13.64 -3.60 -25.37
CA ARG A 46 -12.27 -3.76 -24.87
C ARG A 46 -12.31 -4.69 -23.66
N VAL A 47 -11.60 -5.81 -23.73
CA VAL A 47 -11.66 -6.84 -22.71
C VAL A 47 -10.24 -7.18 -22.29
N LEU A 48 -10.05 -7.36 -20.99
CA LEU A 48 -8.73 -7.76 -20.49
C LEU A 48 -8.39 -9.14 -21.00
N PRO A 49 -7.24 -9.32 -21.66
CA PRO A 49 -6.91 -10.66 -22.15
C PRO A 49 -6.78 -11.67 -21.01
N SER A 50 -7.23 -12.89 -21.27
CA SER A 50 -7.11 -13.96 -20.29
C SER A 50 -5.68 -14.10 -19.78
N ALA A 51 -4.70 -13.89 -20.67
CA ALA A 51 -3.29 -13.97 -20.27
C ALA A 51 -2.94 -12.96 -19.19
N ALA A 52 -3.66 -11.83 -19.13
CA ALA A 52 -3.30 -10.79 -18.17
C ALA A 52 -3.46 -11.27 -16.74
N TYR A 53 -4.50 -12.09 -16.49
CA TYR A 53 -4.78 -12.53 -15.13
C TYR A 53 -3.61 -13.31 -14.54
N LEU A 54 -2.99 -14.18 -15.32
CA LEU A 54 -1.85 -14.93 -14.80
C LEU A 54 -0.69 -13.99 -14.44
N GLU A 55 -0.40 -13.01 -15.30
CA GLU A 55 0.66 -12.04 -15.00
C GLU A 55 0.32 -11.19 -13.78
N MET A 56 -0.96 -10.80 -13.63
CA MET A 56 -1.38 -10.07 -12.44
C MET A 56 -1.12 -10.90 -11.19
N ALA A 57 -1.54 -12.16 -11.21
CA ALA A 57 -1.29 -13.04 -10.05
C ALA A 57 0.21 -13.23 -9.81
N ARG A 58 0.98 -13.43 -10.88
CA ARG A 58 2.42 -13.61 -10.71
C ARG A 58 3.04 -12.38 -10.07
N ALA A 59 2.75 -11.20 -10.62
CA ALA A 59 3.30 -9.96 -10.07
C ALA A 59 2.86 -9.76 -8.62
N ALA A 60 1.59 -10.06 -8.33
CA ALA A 60 1.08 -9.88 -6.97
C ALA A 60 1.83 -10.77 -5.99
N ILE A 61 2.05 -12.02 -6.37
CA ILE A 61 2.78 -12.95 -5.49
C ILE A 61 4.20 -12.47 -5.29
N GLN A 62 4.84 -11.96 -6.34
CA GLN A 62 6.20 -11.47 -6.20
C GLN A 62 6.28 -10.32 -5.20
N GLN A 63 5.28 -9.42 -5.21
CA GLN A 63 5.26 -8.34 -4.24
C GLN A 63 4.98 -8.85 -2.84
N ALA A 64 4.01 -9.76 -2.70
CA ALA A 64 3.59 -10.24 -1.39
C ALA A 64 4.65 -11.10 -0.71
N THR A 65 5.57 -11.69 -1.48
CA THR A 65 6.65 -12.49 -0.91
C THR A 65 7.94 -11.71 -0.74
N GLY A 66 7.99 -10.45 -1.15
CA GLY A 66 9.15 -9.62 -0.97
C GLY A 66 10.10 -9.52 -2.12
N GLY A 67 9.64 -9.70 -3.35
CA GLY A 67 10.50 -9.62 -4.52
C GLY A 67 10.26 -8.38 -5.35
N LEU A 74 11.73 -17.05 -6.97
CA LEU A 74 11.26 -16.30 -8.13
C LEU A 74 10.82 -17.27 -9.22
N GLU A 75 11.77 -17.88 -9.91
CA GLU A 75 11.45 -18.87 -10.93
C GLU A 75 11.02 -20.19 -10.29
N GLY A 76 10.24 -20.96 -11.04
CA GLY A 76 9.67 -22.19 -10.55
C GLY A 76 8.25 -22.07 -10.06
N LEU A 77 7.65 -20.89 -10.13
CA LEU A 77 6.26 -20.71 -9.75
C LEU A 77 5.37 -21.64 -10.57
N ARG A 78 4.30 -22.11 -9.95
CA ARG A 78 3.35 -23.00 -10.61
C ARG A 78 1.95 -22.53 -10.29
N PHE A 79 1.13 -22.33 -11.31
CA PHE A 79 -0.30 -22.14 -11.15
C PHE A 79 -0.99 -23.48 -11.34
N LYS A 80 -2.07 -23.70 -10.61
CA LYS A 80 -2.85 -24.93 -10.73
C LYS A 80 -4.32 -24.62 -10.57
N ASN A 81 -5.14 -25.28 -11.40
CA ASN A 81 -6.60 -25.18 -11.33
C ASN A 81 -7.06 -23.73 -11.44
N VAL A 82 -6.57 -23.04 -12.45
CA VAL A 82 -7.00 -21.68 -12.75
C VAL A 82 -8.33 -21.74 -13.51
N VAL A 83 -9.20 -20.76 -13.25
CA VAL A 83 -10.45 -20.61 -13.99
C VAL A 83 -10.62 -19.16 -14.41
N TRP A 84 -11.20 -18.97 -15.59
CA TRP A 84 -11.63 -17.67 -16.09
C TRP A 84 -13.14 -17.73 -16.24
N THR A 85 -13.87 -16.96 -15.43
CA THR A 85 -15.32 -17.03 -15.37
C THR A 85 -16.00 -15.93 -16.16
N GLN A 86 -15.58 -14.68 -15.99
CA GLN A 86 -16.25 -13.54 -16.57
C GLN A 86 -15.24 -12.61 -17.22
N PRO A 87 -15.57 -12.04 -18.37
CA PRO A 87 -14.67 -11.04 -18.98
C PRO A 87 -14.73 -9.72 -18.22
N LEU A 88 -13.59 -9.05 -18.16
CA LEU A 88 -13.50 -7.70 -17.61
C LEU A 88 -13.55 -6.73 -18.78
N ALA A 89 -14.74 -6.19 -19.06
CA ALA A 89 -14.92 -5.22 -20.13
C ALA A 89 -14.78 -3.80 -19.56
N VAL A 90 -14.03 -2.96 -20.27
CA VAL A 90 -13.80 -1.58 -19.86
C VAL A 90 -14.43 -0.71 -20.93
N GLY A 91 -15.60 -0.15 -20.63
CA GLY A 91 -16.29 0.74 -21.54
C GLY A 91 -15.90 2.19 -21.30
N PRO A 92 -16.85 3.11 -21.41
CA PRO A 92 -16.51 4.53 -21.22
C PRO A 92 -16.12 4.87 -19.79
N GLU A 93 -16.47 4.04 -18.81
CA GLU A 93 -16.11 4.31 -17.43
C GLU A 93 -14.96 3.41 -17.01
N PRO A 94 -13.90 3.96 -16.42
CA PRO A 94 -12.83 3.09 -15.89
C PRO A 94 -13.40 2.08 -14.92
N VAL A 95 -12.77 0.90 -14.88
CA VAL A 95 -13.21 -0.21 -14.06
C VAL A 95 -12.20 -0.42 -12.94
N GLN A 96 -12.71 -0.62 -11.72
CA GLN A 96 -11.86 -0.87 -10.55
C GLN A 96 -11.70 -2.38 -10.38
N ALA A 97 -10.47 -2.85 -10.55
CA ALA A 97 -10.14 -4.27 -10.40
C ALA A 97 -9.34 -4.47 -9.12
N HIS A 98 -9.45 -5.69 -8.57
CA HIS A 98 -8.72 -6.06 -7.36
C HIS A 98 -8.25 -7.50 -7.50
N ILE A 99 -7.13 -7.82 -6.86
CA ILE A 99 -6.68 -9.18 -6.67
C ILE A 99 -6.38 -9.37 -5.19
N GLU A 100 -7.01 -10.37 -4.58
CA GLU A 100 -6.76 -10.75 -3.19
C GLU A 100 -6.00 -12.08 -3.17
N LEU A 101 -5.03 -12.18 -2.27
CA LEU A 101 -4.20 -13.37 -2.12
C LEU A 101 -4.38 -13.94 -0.73
N TYR A 102 -4.72 -15.22 -0.65
CA TYR A 102 -4.94 -15.91 0.61
C TYR A 102 -3.90 -17.00 0.77
N PRO A 103 -2.92 -16.85 1.66
CA PRO A 103 -1.92 -17.90 1.84
C PRO A 103 -2.42 -19.02 2.72
N GLU A 104 -1.98 -20.24 2.39
CA GLU A 104 -2.35 -21.44 3.13
C GLU A 104 -1.11 -22.07 3.78
N ALA A 105 -1.38 -22.93 4.77
CA ALA A 105 -0.30 -23.51 5.56
C ALA A 105 0.57 -24.46 4.73
N ASN A 106 0.01 -25.09 3.70
CA ASN A 106 0.76 -26.02 2.88
C ASN A 106 1.61 -25.33 1.82
N GLY A 107 1.81 -24.02 1.94
CA GLY A 107 2.59 -23.27 0.98
C GLY A 107 1.84 -22.80 -0.24
N GLU A 108 0.56 -23.14 -0.37
CA GLU A 108 -0.22 -22.77 -1.54
C GLU A 108 -0.87 -21.40 -1.34
N ILE A 109 -0.92 -20.63 -2.43
CA ILE A 109 -1.49 -19.30 -2.44
C ILE A 109 -2.73 -19.33 -3.32
N VAL A 110 -3.89 -19.05 -2.72
CA VAL A 110 -5.13 -18.91 -3.46
C VAL A 110 -5.30 -17.44 -3.86
N PHE A 111 -5.58 -17.19 -5.14
CA PHE A 111 -5.81 -15.84 -5.63
C PHE A 111 -7.21 -15.74 -6.23
N GLU A 112 -7.79 -14.55 -6.11
CA GLU A 112 -9.07 -14.22 -6.73
C GLU A 112 -8.98 -12.82 -7.31
N ILE A 113 -9.33 -12.70 -8.59
CA ILE A 113 -9.30 -11.43 -9.31
C ILE A 113 -10.74 -11.05 -9.61
N TYR A 114 -11.16 -9.89 -9.14
CA TYR A 114 -12.55 -9.44 -9.30
C TYR A 114 -12.55 -7.96 -9.59
N SER A 115 -13.73 -7.45 -9.92
CA SER A 115 -13.92 -6.03 -10.18
C SER A 115 -15.21 -5.57 -9.52
N ASP A 116 -15.28 -4.28 -9.23
CA ASP A 116 -16.45 -3.66 -8.63
C ASP A 116 -17.41 -3.26 -9.75
N SER A 117 -18.65 -3.72 -9.65
CA SER A 117 -19.66 -3.36 -10.63
C SER A 117 -20.41 -2.12 -10.19
N LYS A 118 -20.70 -1.24 -11.14
CA LYS A 118 -21.42 -0.01 -10.87
C LYS A 118 -22.89 -0.16 -11.28
N GLN A 119 -23.57 -1.10 -10.63
CA GLN A 119 -24.99 -1.34 -10.89
C GLN A 119 -25.79 -0.19 -10.26
N ASP A 120 -26.20 0.75 -11.09
CA ASP A 120 -27.00 1.88 -10.62
C ASP A 120 -28.36 1.41 -10.16
N ARG A 121 -28.87 2.04 -9.10
CA ARG A 121 -30.08 1.68 -8.37
C ARG A 121 -29.82 0.54 -7.40
N ASP A 122 -28.64 -0.08 -7.43
CA ASP A 122 -28.25 -1.14 -6.52
C ASP A 122 -26.93 -0.75 -5.85
N GLN A 123 -26.46 -1.60 -4.94
CA GLN A 123 -25.21 -1.38 -4.25
C GLN A 123 -24.11 -2.22 -4.88
N THR A 124 -22.92 -1.62 -4.98
CA THR A 124 -21.82 -2.25 -5.68
C THR A 124 -21.60 -3.69 -5.22
N THR A 125 -21.20 -4.55 -6.16
CA THR A 125 -21.01 -5.97 -5.91
C THR A 125 -19.74 -6.39 -6.65
N GLU A 126 -19.09 -7.44 -6.18
CA GLU A 126 -17.83 -7.87 -6.74
C GLU A 126 -18.08 -8.92 -7.81
N ILE A 127 -17.57 -8.68 -9.01
CA ILE A 127 -17.69 -9.58 -10.15
C ILE A 127 -16.38 -10.34 -10.29
N VAL A 128 -16.44 -11.66 -10.17
CA VAL A 128 -15.25 -12.50 -10.20
C VAL A 128 -14.89 -12.81 -11.66
N HIS A 129 -13.62 -12.57 -12.01
CA HIS A 129 -13.11 -12.83 -13.34
C HIS A 129 -12.18 -14.03 -13.42
N SER A 130 -11.36 -14.28 -12.39
CA SER A 130 -10.41 -15.38 -12.44
C SER A 130 -10.06 -15.83 -11.03
N GLN A 131 -9.92 -17.14 -10.87
CA GLN A 131 -9.50 -17.75 -9.63
C GLN A 131 -8.43 -18.80 -9.93
N GLY A 132 -7.62 -19.12 -8.93
CA GLY A 132 -6.64 -20.17 -9.09
C GLY A 132 -5.78 -20.30 -7.84
N SER A 133 -4.87 -21.26 -7.89
CA SER A 133 -3.90 -21.49 -6.83
C SER A 133 -2.50 -21.37 -7.40
N ALA A 134 -1.55 -21.06 -6.53
CA ALA A 134 -0.15 -20.97 -6.89
C ALA A 134 0.69 -21.63 -5.81
N VAL A 135 1.82 -22.20 -6.24
CA VAL A 135 2.79 -22.80 -5.34
C VAL A 135 4.17 -22.43 -5.83
N LEU A 136 5.08 -22.19 -4.90
CA LEU A 136 6.49 -21.92 -5.22
C LEU A 136 7.19 -23.27 -5.20
N CYS A 137 7.49 -23.79 -6.38
CA CYS A 137 8.16 -25.08 -6.55
C CYS A 137 9.46 -24.88 -7.32
N SER A 138 10.25 -25.96 -7.37
CA SER A 138 11.53 -25.95 -8.07
C SER A 138 11.32 -25.98 -9.58
N ILE A 139 12.39 -25.68 -10.31
CA ILE A 139 12.37 -25.57 -11.76
C ILE A 139 12.58 -26.96 -12.34
N PRO A 140 11.67 -27.46 -13.17
CA PRO A 140 11.90 -28.77 -13.79
C PRO A 140 12.89 -28.68 -14.94
N ASP A 141 13.61 -29.78 -15.15
CA ASP A 141 14.61 -29.84 -16.22
C ASP A 141 13.89 -30.40 -17.44
N ILE A 142 13.26 -29.52 -18.20
CA ILE A 142 12.51 -29.91 -19.39
C ILE A 142 13.48 -29.94 -20.57
N PRO A 143 13.51 -31.04 -21.34
CA PRO A 143 14.43 -31.08 -22.49
C PRO A 143 14.02 -30.06 -23.55
N SER A 144 15.03 -29.44 -24.16
CA SER A 144 14.77 -28.48 -25.24
C SER A 144 14.18 -29.21 -26.45
N PHE A 145 13.28 -28.53 -27.14
CA PHE A 145 12.73 -29.06 -28.37
C PHE A 145 13.69 -28.78 -29.52
N ASP A 146 13.72 -29.70 -30.48
CA ASP A 146 14.41 -29.48 -31.75
C ASP A 146 13.40 -28.82 -32.69
N LEU A 147 13.50 -27.50 -32.82
CA LEU A 147 12.52 -26.77 -33.60
C LEU A 147 12.51 -27.19 -35.06
N SER A 148 13.63 -27.68 -35.57
CA SER A 148 13.67 -28.19 -36.93
C SER A 148 12.76 -29.40 -37.09
N VAL A 149 12.77 -30.31 -36.11
CA VAL A 149 11.93 -31.50 -36.20
C VAL A 149 10.46 -31.09 -36.09
N LEU A 150 10.14 -30.21 -35.13
CA LEU A 150 8.75 -29.77 -34.98
C LEU A 150 8.24 -29.09 -36.24
N GLN A 151 9.09 -28.26 -36.87
CA GLN A 151 8.69 -27.60 -38.10
C GLN A 151 8.40 -28.63 -39.18
N GLU A 152 9.18 -29.71 -39.22
CA GLU A 152 8.91 -30.79 -40.17
C GLU A 152 7.60 -31.50 -39.86
N GLN A 153 7.33 -31.78 -38.58
CA GLN A 153 6.10 -32.45 -38.20
C GLN A 153 4.87 -31.60 -38.51
N CYS A 154 5.02 -30.27 -38.51
CA CYS A 154 3.89 -29.38 -38.73
C CYS A 154 3.96 -28.79 -40.14
N SER A 155 3.97 -29.66 -41.15
CA SER A 155 4.17 -29.24 -42.53
C SER A 155 2.92 -29.41 -43.39
N LEU A 156 1.77 -29.69 -42.77
CA LEU A 156 0.55 -29.83 -43.54
C LEU A 156 0.16 -28.53 -44.23
N ARG A 157 0.32 -27.41 -43.55
CA ARG A 157 -0.16 -26.12 -44.03
C ARG A 157 0.48 -25.00 -43.22
N THR A 158 0.58 -23.83 -43.83
CA THR A 158 1.11 -22.66 -43.16
C THR A 158 0.08 -21.53 -43.23
N LEU A 159 -0.18 -20.90 -42.09
CA LEU A 159 -1.08 -19.75 -42.00
C LEU A 159 -0.24 -18.52 -41.72
N SER A 160 -0.39 -17.49 -42.56
CA SER A 160 0.31 -16.24 -42.32
C SER A 160 -0.40 -15.41 -41.25
N ALA A 161 0.28 -14.37 -40.79
CA ALA A 161 -0.31 -13.46 -39.82
C ALA A 161 -1.58 -12.81 -40.40
N GLU A 162 -1.50 -12.33 -41.64
CA GLU A 162 -2.67 -11.74 -42.27
C GLU A 162 -3.84 -12.70 -42.30
N GLN A 163 -3.59 -13.98 -42.59
CA GLN A 163 -4.66 -14.96 -42.62
C GLN A 163 -5.27 -15.14 -41.24
N CYS A 164 -4.42 -15.22 -40.20
CA CYS A 164 -4.92 -15.45 -38.85
C CYS A 164 -5.80 -14.29 -38.38
N TYR A 165 -5.28 -13.07 -38.47
CA TYR A 165 -6.02 -11.92 -37.94
C TYR A 165 -7.14 -11.48 -38.86
N ASP A 166 -7.12 -11.87 -40.14
CA ASP A 166 -8.31 -11.73 -40.97
C ASP A 166 -9.42 -12.67 -40.48
N ALA A 167 -9.06 -13.93 -40.20
CA ALA A 167 -10.02 -14.86 -39.64
C ALA A 167 -10.58 -14.34 -38.31
N PHE A 168 -9.69 -13.86 -37.43
CA PHE A 168 -10.13 -13.32 -36.15
C PHE A 168 -11.12 -12.17 -36.34
N LYS A 169 -10.78 -11.20 -37.18
CA LYS A 169 -11.67 -10.07 -37.43
C LYS A 169 -13.03 -10.55 -37.89
N LYS A 170 -13.06 -11.58 -38.76
CA LYS A 170 -14.34 -12.12 -39.21
C LYS A 170 -15.14 -12.70 -38.05
N MET A 171 -14.46 -13.26 -37.05
CA MET A 171 -15.15 -13.82 -35.89
C MET A 171 -15.52 -12.77 -34.86
N GLY A 172 -15.31 -11.48 -35.16
CA GLY A 172 -15.58 -10.44 -34.19
C GLY A 172 -14.50 -10.20 -33.18
N VAL A 173 -13.29 -10.70 -33.41
CA VAL A 173 -12.15 -10.52 -32.52
C VAL A 173 -11.17 -9.59 -33.23
N ASP A 174 -11.07 -8.36 -32.73
CA ASP A 174 -10.25 -7.32 -33.34
C ASP A 174 -8.98 -7.13 -32.50
N TYR A 175 -7.87 -7.67 -32.98
CA TYR A 175 -6.59 -7.53 -32.29
C TYR A 175 -5.84 -6.34 -32.88
N GLY A 176 -5.51 -5.39 -32.04
CA GLY A 176 -4.73 -4.26 -32.46
C GLY A 176 -3.25 -4.58 -32.53
N PRO A 177 -2.47 -3.58 -32.94
CA PRO A 177 -1.03 -3.83 -33.17
C PRO A 177 -0.33 -4.50 -32.00
N ALA A 178 -0.67 -4.11 -30.76
CA ALA A 178 0.01 -4.67 -29.59
C ALA A 178 -0.32 -6.13 -29.34
N HIS A 179 -1.37 -6.65 -29.97
CA HIS A 179 -1.78 -8.04 -29.77
C HIS A 179 -1.76 -8.84 -31.08
N ARG A 180 -0.91 -8.43 -32.01
CA ARG A 180 -0.70 -9.24 -33.20
C ARG A 180 0.68 -9.88 -33.13
N GLY A 181 0.87 -10.73 -32.10
CA GLY A 181 2.14 -11.40 -31.92
C GLY A 181 2.37 -12.62 -32.78
N ILE A 182 1.34 -13.10 -33.48
CA ILE A 182 1.50 -14.25 -34.37
C ILE A 182 2.14 -13.79 -35.67
N GLU A 183 3.32 -14.35 -35.98
CA GLU A 183 3.92 -14.14 -37.30
C GLU A 183 3.45 -15.20 -38.29
N GLN A 184 3.32 -16.45 -37.85
CA GLN A 184 2.78 -17.51 -38.70
C GLN A 184 2.51 -18.74 -37.83
N ILE A 185 1.65 -19.62 -38.33
CA ILE A 185 1.32 -20.86 -37.66
C ILE A 185 1.57 -22.02 -38.61
N LEU A 186 2.40 -22.96 -38.20
CA LEU A 186 2.64 -24.19 -38.95
C LEU A 186 1.71 -25.28 -38.42
N ILE A 187 0.95 -25.89 -39.33
CA ILE A 187 -0.12 -26.81 -38.97
C ILE A 187 0.38 -28.25 -39.08
N GLY A 188 0.11 -29.03 -38.04
CA GLY A 188 0.39 -30.46 -38.05
C GLY A 188 -0.87 -31.23 -37.71
N GLN A 189 -0.72 -32.50 -37.33
CA GLN A 189 -1.84 -33.33 -36.92
C GLN A 189 -1.95 -33.33 -35.41
N GLU A 190 -3.05 -32.81 -34.90
CA GLU A 190 -3.30 -32.69 -33.46
C GLU A 190 -2.30 -31.78 -32.77
N GLN A 191 -1.62 -30.93 -33.54
CA GLN A 191 -0.67 -29.98 -32.97
C GLN A 191 -0.39 -28.89 -33.99
N VAL A 192 0.02 -27.73 -33.49
CA VAL A 192 0.49 -26.64 -34.33
C VAL A 192 1.73 -26.03 -33.67
N LEU A 193 2.53 -25.36 -34.48
CA LEU A 193 3.73 -24.66 -34.04
C LEU A 193 3.65 -23.23 -34.55
N ALA A 194 3.50 -22.27 -33.64
CA ALA A 194 3.28 -20.87 -33.96
C ALA A 194 4.52 -20.06 -33.67
N LYS A 195 4.95 -19.24 -34.63
CA LYS A 195 6.05 -18.32 -34.44
C LYS A 195 5.50 -17.02 -33.87
N LEU A 196 6.04 -16.60 -32.74
CA LEU A 196 5.56 -15.42 -32.05
C LEU A 196 6.66 -14.37 -31.97
N SER A 197 6.26 -13.11 -31.91
CA SER A 197 7.20 -12.01 -31.73
C SER A 197 6.50 -10.85 -31.05
N LEU A 198 7.16 -10.26 -30.09
CA LEU A 198 6.67 -9.05 -29.45
C LEU A 198 6.50 -7.97 -30.50
N PRO A 199 5.28 -7.46 -30.72
CA PRO A 199 5.12 -6.37 -31.70
C PRO A 199 6.03 -5.20 -31.33
N SER A 200 6.65 -4.61 -32.35
CA SER A 200 7.56 -3.50 -32.12
C SER A 200 6.90 -2.36 -31.36
N SER A 201 5.56 -2.29 -31.40
CA SER A 201 4.87 -1.25 -30.64
C SER A 201 5.18 -1.32 -29.15
N VAL A 202 5.43 -2.52 -28.62
CA VAL A 202 5.53 -2.73 -27.18
C VAL A 202 6.87 -3.33 -26.77
N VAL A 203 7.87 -3.31 -27.66
CA VAL A 203 9.17 -3.87 -27.29
C VAL A 203 9.77 -3.11 -26.12
N LYS A 204 9.49 -1.80 -26.02
CA LYS A 204 9.99 -1.02 -24.89
C LYS A 204 9.53 -1.60 -23.56
N THR A 205 8.34 -2.19 -23.51
CA THR A 205 7.73 -2.65 -22.26
C THR A 205 8.14 -4.06 -21.89
N GLN A 206 9.05 -4.68 -22.65
CA GLN A 206 9.38 -6.09 -22.42
C GLN A 206 9.76 -6.34 -20.97
N GLY A 207 10.45 -5.37 -20.34
CA GLY A 207 10.92 -5.55 -18.99
C GLY A 207 9.90 -5.29 -17.91
N GLN A 208 8.72 -4.78 -18.26
CA GLN A 208 7.70 -4.49 -17.26
C GLN A 208 6.89 -5.72 -16.88
N PHE A 209 6.95 -6.78 -17.69
CA PHE A 209 6.14 -7.98 -17.47
C PHE A 209 7.04 -9.20 -17.35
N GLY A 210 6.58 -10.18 -16.56
CA GLY A 210 7.18 -11.50 -16.58
C GLY A 210 6.55 -12.33 -17.67
N LEU A 211 5.24 -12.52 -17.57
CA LEU A 211 4.45 -13.13 -18.64
C LEU A 211 3.85 -11.98 -19.45
N HIS A 212 4.52 -11.60 -20.53
CA HIS A 212 4.06 -10.45 -21.31
C HIS A 212 2.71 -10.76 -21.95
N PRO A 213 1.69 -9.93 -21.75
CA PRO A 213 0.36 -10.25 -22.30
C PRO A 213 0.34 -10.42 -23.81
N SER A 214 1.21 -9.71 -24.53
CA SER A 214 1.21 -9.83 -25.99
C SER A 214 1.66 -11.22 -26.42
N LEU A 215 2.76 -11.70 -25.84
CA LEU A 215 3.27 -13.02 -26.22
C LEU A 215 2.33 -14.13 -25.75
N LEU A 216 1.94 -14.09 -24.48
CA LEU A 216 1.10 -15.16 -23.94
C LEU A 216 -0.27 -15.17 -24.61
N ASP A 217 -0.84 -13.98 -24.85
CA ASP A 217 -2.09 -13.94 -25.60
C ASP A 217 -1.91 -14.51 -27.00
N ALA A 218 -0.76 -14.21 -27.64
CA ALA A 218 -0.49 -14.76 -28.97
C ALA A 218 -0.44 -16.28 -28.93
N ALA A 219 0.12 -16.85 -27.86
CA ALA A 219 0.13 -18.30 -27.70
C ALA A 219 -1.30 -18.84 -27.65
N LEU A 220 -2.17 -18.19 -26.89
CA LEU A 220 -3.54 -18.65 -26.80
C LEU A 220 -4.32 -18.38 -28.08
N GLN A 221 -4.00 -17.28 -28.77
CA GLN A 221 -4.58 -17.05 -30.08
C GLN A 221 -4.27 -18.22 -31.01
N SER A 222 -3.05 -18.75 -30.92
CA SER A 222 -2.57 -19.77 -31.85
C SER A 222 -3.36 -21.06 -31.72
N SER A 223 -4.12 -21.25 -30.64
CA SER A 223 -4.99 -22.42 -30.56
C SER A 223 -6.01 -22.46 -31.70
N LEU A 224 -6.21 -21.32 -32.39
CA LEU A 224 -7.06 -21.32 -33.58
C LEU A 224 -6.56 -22.29 -34.62
N GLY A 225 -5.24 -22.44 -34.74
CA GLY A 225 -4.70 -23.33 -35.76
C GLY A 225 -5.29 -24.72 -35.73
N LEU A 226 -5.51 -25.26 -34.54
CA LEU A 226 -6.18 -26.55 -34.38
C LEU A 226 -7.65 -26.44 -34.77
N MET A 227 -7.90 -26.03 -36.01
CA MET A 227 -9.26 -25.92 -36.56
C MET A 227 -9.96 -24.72 -35.94
N SER A 234 -16.54 -22.90 -31.55
CA SER A 234 -15.68 -21.84 -31.03
C SER A 234 -15.53 -21.98 -29.52
N LEU A 235 -14.41 -21.45 -29.01
CA LEU A 235 -14.08 -21.53 -27.59
C LEU A 235 -14.56 -20.27 -26.86
N ILE A 236 -15.33 -20.48 -25.79
CA ILE A 236 -15.94 -19.39 -25.04
C ILE A 236 -15.74 -19.68 -23.54
N LEU A 237 -16.12 -18.71 -22.72
CA LEU A 237 -15.93 -18.82 -21.28
C LEU A 237 -17.03 -19.68 -20.67
N PRO A 238 -16.75 -20.38 -19.56
CA PRO A 238 -15.53 -20.32 -18.74
C PRO A 238 -14.33 -21.08 -19.30
N PHE A 239 -13.12 -20.59 -19.01
CA PHE A 239 -11.90 -21.29 -19.36
C PHE A 239 -11.32 -21.91 -18.08
N ALA A 240 -10.34 -22.79 -18.27
CA ALA A 240 -9.67 -23.43 -17.15
C ALA A 240 -8.30 -23.91 -17.58
N LEU A 241 -7.40 -24.03 -16.62
CA LEU A 241 -6.04 -24.46 -16.85
C LEU A 241 -5.61 -25.34 -15.69
N GLU A 242 -5.21 -26.57 -15.99
CA GLU A 242 -4.86 -27.51 -14.92
C GLU A 242 -3.55 -27.12 -14.26
N GLU A 243 -2.54 -26.78 -15.06
CA GLU A 243 -1.22 -26.51 -14.51
C GLU A 243 -0.49 -25.53 -15.42
N MET A 244 0.32 -24.68 -14.82
CA MET A 244 1.26 -23.81 -15.52
C MET A 244 2.54 -23.73 -14.71
N VAL A 245 3.67 -23.85 -15.39
CA VAL A 245 4.99 -23.76 -14.76
C VAL A 245 5.78 -22.68 -15.48
N ILE A 246 6.22 -21.68 -14.72
CA ILE A 246 7.11 -20.65 -15.23
C ILE A 246 8.54 -21.16 -15.05
N VAL A 247 9.20 -21.50 -16.16
CA VAL A 247 10.55 -22.02 -16.10
C VAL A 247 11.60 -20.92 -16.29
N GLY A 248 11.30 -19.95 -17.15
CA GLY A 248 12.24 -18.88 -17.41
C GLY A 248 11.55 -17.65 -17.94
N ASP A 249 12.36 -16.72 -18.43
CA ASP A 249 11.86 -15.45 -18.92
C ASP A 249 11.37 -15.58 -20.36
N CYS A 250 10.47 -14.67 -20.74
CA CYS A 250 10.01 -14.59 -22.10
C CYS A 250 10.98 -13.77 -22.94
N SER A 251 11.07 -14.12 -24.22
CA SER A 251 11.96 -13.47 -25.16
C SER A 251 11.17 -12.64 -26.16
N SER A 252 11.91 -11.89 -26.98
CA SER A 252 11.27 -11.06 -28.00
C SER A 252 10.68 -11.92 -29.12
N SER A 253 11.35 -13.02 -29.45
CA SER A 253 10.87 -13.99 -30.44
C SER A 253 10.75 -15.33 -29.74
N MET A 254 9.60 -15.99 -29.93
CA MET A 254 9.33 -17.23 -29.22
C MET A 254 8.52 -18.16 -30.12
N TRP A 255 8.29 -19.37 -29.64
CA TRP A 255 7.46 -20.36 -30.31
C TRP A 255 6.43 -20.87 -29.33
N ALA A 256 5.25 -21.20 -29.85
CA ALA A 256 4.18 -21.80 -29.06
C ALA A 256 3.90 -23.18 -29.67
N LEU A 257 4.25 -24.23 -28.95
CA LEU A 257 3.94 -25.60 -29.36
C LEU A 257 2.63 -26.00 -28.69
N ILE A 258 1.58 -26.15 -29.51
CA ILE A 258 0.24 -26.45 -29.03
C ILE A 258 -0.10 -27.88 -29.44
N ARG A 259 -0.54 -28.68 -28.48
CA ARG A 259 -0.84 -30.07 -28.73
C ARG A 259 -2.27 -30.32 -28.25
N TYR A 260 -3.11 -30.87 -29.11
CA TYR A 260 -4.45 -31.29 -28.69
C TYR A 260 -4.34 -32.61 -27.97
N ARG A 261 -4.51 -32.61 -26.66
CA ARG A 261 -4.52 -33.84 -25.87
C ARG A 261 -5.83 -34.58 -26.07
N VAL A 270 -10.27 -34.52 -22.23
CA VAL A 270 -11.47 -34.20 -22.99
C VAL A 270 -11.15 -33.08 -23.98
N GLU A 271 -11.73 -31.91 -23.78
CA GLU A 271 -11.47 -30.75 -24.65
C GLU A 271 -10.27 -29.96 -24.15
N LYS A 272 -9.14 -30.66 -23.99
CA LYS A 272 -7.94 -30.09 -23.37
C LYS A 272 -6.78 -30.06 -24.36
N PHE A 273 -5.99 -29.01 -24.28
CA PHE A 273 -4.79 -28.89 -25.09
C PHE A 273 -3.68 -28.28 -24.23
N ASP A 274 -2.45 -28.50 -24.65
CA ASP A 274 -1.28 -28.06 -23.93
C ASP A 274 -0.52 -27.04 -24.79
N ILE A 275 0.17 -26.11 -24.11
CA ILE A 275 0.93 -25.08 -24.78
C ILE A 275 2.29 -24.98 -24.11
N ASP A 276 3.35 -25.13 -24.91
CA ASP A 276 4.71 -24.88 -24.47
C ASP A 276 5.19 -23.59 -25.14
N LEU A 277 5.53 -22.59 -24.33
CA LEU A 277 6.12 -21.35 -24.84
C LEU A 277 7.63 -21.51 -24.80
N CYS A 278 8.26 -21.45 -25.98
CA CYS A 278 9.68 -21.76 -26.13
C CYS A 278 10.42 -20.57 -26.71
N ASP A 279 11.71 -20.50 -26.41
CA ASP A 279 12.57 -19.46 -26.96
C ASP A 279 13.08 -19.90 -28.33
N GLU A 280 13.93 -19.06 -28.93
CA GLU A 280 14.40 -19.32 -30.27
C GLU A 280 15.10 -20.67 -30.41
N ASN A 281 15.64 -21.22 -29.32
CA ASN A 281 16.41 -22.46 -29.39
C ASN A 281 15.59 -23.69 -29.01
N GLY A 282 14.31 -23.52 -28.70
CA GLY A 282 13.47 -24.63 -28.33
C GLY A 282 13.38 -24.89 -26.84
N ASN A 283 14.05 -24.08 -26.01
CA ASN A 283 13.93 -24.21 -24.57
C ASN A 283 12.53 -23.80 -24.14
N VAL A 284 11.93 -24.59 -23.26
CA VAL A 284 10.57 -24.32 -22.78
C VAL A 284 10.67 -23.33 -21.64
N GLN A 285 10.16 -22.11 -21.87
CA GLN A 285 10.16 -21.06 -20.85
C GLN A 285 8.89 -21.06 -20.02
N VAL A 286 7.76 -21.45 -20.61
CA VAL A 286 6.49 -21.55 -19.91
C VAL A 286 5.77 -22.80 -20.42
N ARG A 287 5.41 -23.70 -19.51
CA ARG A 287 4.69 -24.92 -19.84
C ARG A 287 3.28 -24.83 -19.27
N MET A 288 2.29 -24.93 -20.14
CA MET A 288 0.89 -24.89 -19.77
C MET A 288 0.25 -26.24 -20.11
N LYS A 289 -0.44 -26.82 -19.15
CA LYS A 289 -1.05 -28.13 -19.31
C LYS A 289 -2.53 -28.07 -19.00
N GLY A 290 -3.35 -28.54 -19.94
CA GLY A 290 -4.76 -28.72 -19.67
C GLY A 290 -5.63 -27.50 -19.81
N PHE A 291 -5.42 -26.69 -20.84
CA PHE A 291 -6.40 -25.65 -21.16
C PHE A 291 -7.72 -26.29 -21.56
N SER A 292 -8.81 -25.86 -20.93
CA SER A 292 -10.15 -26.25 -21.32
C SER A 292 -11.03 -25.01 -21.46
N THR A 293 -11.89 -25.01 -22.47
CA THR A 293 -12.80 -23.91 -22.75
C THR A 293 -14.15 -24.50 -23.14
N ARG A 294 -15.22 -23.77 -22.84
CA ARG A 294 -16.55 -24.28 -23.17
C ARG A 294 -16.73 -24.33 -24.68
N LYS A 295 -17.28 -25.44 -25.16
CA LYS A 295 -17.55 -25.62 -26.58
C LYS A 295 -18.93 -25.09 -26.94
N ILE A 296 -18.98 -24.19 -27.91
CA ILE A 296 -20.24 -23.74 -28.47
C ILE A 296 -20.26 -24.10 -29.95
N ALA A 297 -21.44 -24.43 -30.46
CA ALA A 297 -21.58 -24.68 -31.89
C ALA A 297 -21.13 -23.44 -32.65
N ASN A 298 -20.47 -23.65 -33.78
CA ASN A 298 -20.02 -22.55 -34.63
C ASN A 298 -21.10 -22.23 -35.64
N VAL A 299 -21.43 -20.95 -35.76
CA VAL A 299 -22.48 -20.51 -36.66
C VAL A 299 -21.91 -20.40 -38.07
N SER A 300 -22.60 -21.03 -39.02
CA SER A 300 -22.13 -21.12 -40.41
C SER A 300 -20.73 -21.74 -40.46
N GLY B 8 -1.88 9.18 -5.55
CA GLY B 8 -1.61 10.12 -4.49
C GLY B 8 -1.27 9.44 -3.17
N VAL B 9 -1.20 10.23 -2.10
CA VAL B 9 -0.82 9.72 -0.79
C VAL B 9 -2.07 9.28 -0.03
N ILE B 10 -1.92 8.21 0.74
CA ILE B 10 -3.01 7.78 1.62
C ILE B 10 -3.21 8.79 2.74
N HIS B 11 -2.13 9.36 3.25
CA HIS B 11 -2.12 10.19 4.45
C HIS B 11 -0.75 10.85 4.54
N PRO B 12 -0.66 12.12 4.97
CA PRO B 12 0.64 12.81 4.97
C PRO B 12 1.76 12.03 5.63
N PHE B 13 1.41 11.11 6.53
CA PHE B 13 2.39 10.26 7.17
C PHE B 13 2.40 8.84 6.61
N LEU B 14 1.44 8.49 5.77
CA LEU B 14 1.37 7.16 5.16
C LEU B 14 1.32 7.35 3.63
N HIS B 15 2.50 7.33 3.00
CA HIS B 15 2.54 7.61 1.56
C HIS B 15 2.02 6.42 0.74
N GLN B 16 2.40 5.21 1.13
CA GLN B 16 1.99 4.04 0.37
C GLN B 16 1.93 2.81 1.26
N ASN B 17 1.01 1.91 0.94
CA ASN B 17 0.91 0.64 1.61
C ASN B 17 1.93 -0.31 0.98
N THR B 18 2.75 -0.95 1.81
CA THR B 18 3.78 -1.87 1.33
C THR B 18 3.69 -3.20 2.06
N SER B 19 2.50 -3.55 2.53
CA SER B 19 2.32 -4.79 3.29
C SER B 19 2.65 -6.00 2.42
N ASP B 20 3.11 -7.07 3.08
CA ASP B 20 3.36 -8.35 2.42
C ASP B 20 2.81 -9.46 3.31
N PHE B 21 3.01 -10.70 2.86
CA PHE B 21 2.49 -11.85 3.59
C PHE B 21 2.98 -11.89 5.03
N MET B 22 4.12 -11.27 5.32
CA MET B 22 4.69 -11.36 6.66
C MET B 22 4.14 -10.29 7.60
N GLU B 23 4.05 -9.04 7.13
CA GLU B 23 3.71 -7.93 8.00
C GLU B 23 2.83 -6.94 7.26
N GLN B 24 1.94 -6.28 8.01
CA GLN B 24 1.29 -5.05 7.56
C GLN B 24 2.30 -3.91 7.66
N ARG B 25 2.40 -3.10 6.60
CA ARG B 25 3.42 -2.06 6.57
C ARG B 25 2.99 -0.88 5.71
N PHE B 26 3.38 0.32 6.13
CA PHE B 26 3.26 1.53 5.32
C PHE B 26 4.61 2.21 5.26
N SER B 27 4.86 2.95 4.17
CA SER B 27 6.16 3.54 3.90
C SER B 27 5.97 4.97 3.45
N SER B 28 6.89 5.84 3.86
CA SER B 28 6.80 7.27 3.55
C SER B 28 8.19 7.83 3.35
N MET B 29 8.34 8.66 2.32
CA MET B 29 9.59 9.35 2.02
C MET B 29 9.45 10.80 2.46
N PHE B 30 10.12 11.15 3.56
CA PHE B 30 10.06 12.50 4.09
C PHE B 30 11.22 13.31 3.52
N THR B 31 10.90 14.43 2.88
CA THR B 31 11.89 15.25 2.20
C THR B 31 12.42 16.41 3.06
N GLY B 32 11.65 16.85 4.04
CA GLY B 32 11.99 18.02 4.83
C GLY B 32 11.28 19.28 4.43
N GLN B 33 10.53 19.27 3.34
CA GLN B 33 9.72 20.41 2.93
C GLN B 33 8.32 20.39 3.53
N GLU B 34 7.89 19.25 4.09
CA GLU B 34 6.59 19.20 4.75
C GLU B 34 6.58 20.15 5.93
N PHE B 35 5.40 20.73 6.22
CA PHE B 35 5.32 21.73 7.28
C PHE B 35 5.73 21.15 8.63
N PHE B 36 5.42 19.86 8.88
CA PHE B 36 5.75 19.25 10.16
C PHE B 36 7.22 18.91 10.30
N LEU B 37 8.05 19.24 9.31
CA LEU B 37 9.49 19.06 9.40
C LEU B 37 10.24 20.37 9.22
N SER B 38 9.89 21.16 8.20
CA SER B 38 10.59 22.43 7.98
C SER B 38 10.32 23.41 9.10
N ASP B 39 9.14 23.35 9.71
CA ASP B 39 8.78 24.24 10.81
C ASP B 39 9.01 23.60 12.17
N HIS B 40 9.69 22.48 12.24
CA HIS B 40 9.96 21.78 13.50
C HIS B 40 11.45 21.44 13.55
N VAL B 41 12.26 22.44 13.89
CA VAL B 41 13.72 22.33 13.88
C VAL B 41 14.22 22.32 15.31
N ILE B 42 14.91 21.25 15.68
CA ILE B 42 15.51 21.10 17.01
C ILE B 42 17.02 21.03 16.83
N LYS B 43 17.73 22.00 17.41
CA LYS B 43 19.19 22.06 17.38
C LYS B 43 19.71 22.15 15.95
N GLY B 44 18.98 22.87 15.09
CA GLY B 44 19.42 23.14 13.74
C GLY B 44 19.02 22.13 12.70
N GLN B 45 18.41 21.01 13.09
CA GLN B 45 18.04 19.95 12.16
C GLN B 45 16.54 19.72 12.22
N ARG B 46 15.94 19.50 11.07
CA ARG B 46 14.52 19.18 10.99
C ARG B 46 14.25 17.79 11.54
N VAL B 47 13.38 17.70 12.55
CA VAL B 47 13.11 16.47 13.26
C VAL B 47 11.61 16.26 13.30
N LEU B 48 11.19 15.02 13.10
CA LEU B 48 9.77 14.68 13.14
C LEU B 48 9.22 14.86 14.55
N PRO B 49 8.13 15.60 14.72
CA PRO B 49 7.58 15.80 16.07
C PRO B 49 7.15 14.48 16.71
N SER B 50 7.36 14.40 18.03
CA SER B 50 6.91 13.22 18.76
C SER B 50 5.44 12.92 18.50
N ALA B 51 4.62 13.96 18.41
CA ALA B 51 3.20 13.78 18.15
C ALA B 51 2.94 13.09 16.81
N ALA B 52 3.84 13.25 15.84
CA ALA B 52 3.60 12.70 14.51
C ALA B 52 3.52 11.19 14.55
N TYR B 53 4.33 10.55 15.40
CA TYR B 53 4.33 9.10 15.48
C TYR B 53 2.96 8.57 15.91
N LEU B 54 2.31 9.24 16.88
CA LEU B 54 1.00 8.77 17.33
C LEU B 54 -0.03 8.88 16.20
N GLU B 55 -0.03 10.00 15.46
CA GLU B 55 -0.95 10.12 14.34
C GLU B 55 -0.65 9.11 13.24
N MET B 56 0.64 8.86 12.98
CA MET B 56 1.02 7.83 12.00
C MET B 56 0.47 6.47 12.40
N ALA B 57 0.65 6.08 13.67
CA ALA B 57 0.13 4.80 14.12
C ALA B 57 -1.39 4.77 14.06
N ARG B 58 -2.03 5.88 14.43
CA ARG B 58 -3.49 5.93 14.38
C ARG B 58 -3.99 5.73 12.95
N ALA B 59 -3.46 6.52 12.01
CA ALA B 59 -3.90 6.40 10.62
C ALA B 59 -3.61 5.00 10.07
N ALA B 60 -2.43 4.46 10.37
CA ALA B 60 -2.08 3.14 9.89
C ALA B 60 -3.06 2.10 10.39
N ILE B 61 -3.41 2.17 11.68
CA ILE B 61 -4.36 1.22 12.24
C ILE B 61 -5.72 1.39 11.57
N GLN B 62 -6.12 2.64 11.34
CA GLN B 62 -7.41 2.89 10.70
C GLN B 62 -7.46 2.25 9.31
N GLN B 63 -6.37 2.32 8.56
CA GLN B 63 -6.33 1.69 7.23
C GLN B 63 -6.33 0.18 7.33
N ALA B 64 -5.52 -0.38 8.23
CA ALA B 64 -5.37 -1.83 8.30
C ALA B 64 -6.63 -2.52 8.80
N THR B 65 -7.51 -1.81 9.51
CA THR B 65 -8.76 -2.40 10.00
C THR B 65 -9.93 -2.16 9.06
N GLY B 66 -9.73 -1.46 7.96
CA GLY B 66 -10.79 -1.23 6.99
C GLY B 66 -11.46 0.11 7.17
N GLY B 76 -12.45 4.87 19.38
CA GLY B 76 -12.19 4.15 20.61
C GLY B 76 -10.80 3.54 20.66
N LEU B 77 -9.82 4.26 20.12
CA LEU B 77 -8.45 3.80 20.09
C LEU B 77 -7.70 4.21 21.35
N ARG B 78 -6.96 3.26 21.91
CA ARG B 78 -6.11 3.48 23.07
C ARG B 78 -4.69 3.05 22.76
N PHE B 79 -3.72 3.94 22.98
CA PHE B 79 -2.31 3.60 22.94
C PHE B 79 -1.80 3.33 24.34
N LYS B 80 -0.84 2.41 24.45
CA LYS B 80 -0.22 2.09 25.73
C LYS B 80 1.28 1.84 25.56
N ASN B 81 2.06 2.31 26.54
CA ASN B 81 3.48 2.02 26.62
C ASN B 81 4.21 2.41 25.33
N VAL B 82 3.99 3.65 24.91
CA VAL B 82 4.69 4.22 23.77
C VAL B 82 6.06 4.69 24.22
N VAL B 83 7.04 4.55 23.33
CA VAL B 83 8.38 5.06 23.56
C VAL B 83 8.85 5.83 22.34
N TRP B 84 9.65 6.88 22.57
CA TRP B 84 10.35 7.60 21.51
C TRP B 84 11.84 7.35 21.76
N THR B 85 12.49 6.62 20.86
CA THR B 85 13.85 6.16 21.05
C THR B 85 14.86 7.07 20.37
N GLN B 86 14.64 7.38 19.11
CA GLN B 86 15.58 8.12 18.29
C GLN B 86 14.80 9.14 17.48
N PRO B 87 15.32 10.36 17.37
CA PRO B 87 14.66 11.34 16.49
C PRO B 87 14.89 10.97 15.03
N LEU B 88 13.90 11.27 14.21
CA LEU B 88 14.01 11.10 12.76
C LEU B 88 14.40 12.47 12.21
N ALA B 89 15.69 12.65 11.96
CA ALA B 89 16.21 13.88 11.39
C ALA B 89 16.29 13.76 9.87
N VAL B 90 15.83 14.80 9.18
CA VAL B 90 15.82 14.84 7.73
C VAL B 90 16.76 15.96 7.29
N GLY B 91 17.97 15.59 6.87
CA GLY B 91 18.92 16.55 6.33
C GLY B 91 18.79 16.68 4.83
N PRO B 92 19.92 16.83 4.13
CA PRO B 92 19.86 16.99 2.66
C PRO B 92 19.36 15.75 1.93
N GLU B 93 19.40 14.56 2.56
CA GLU B 93 18.93 13.34 1.91
C GLU B 93 17.56 12.97 2.43
N PRO B 94 16.58 12.73 1.56
CA PRO B 94 15.29 12.24 2.03
C PRO B 94 15.44 10.96 2.85
N VAL B 95 14.54 10.77 3.80
CA VAL B 95 14.56 9.62 4.69
C VAL B 95 13.39 8.71 4.35
N GLN B 96 13.66 7.42 4.22
CA GLN B 96 12.63 6.42 3.98
C GLN B 96 12.17 5.90 5.35
N ALA B 97 10.93 6.19 5.71
CA ALA B 97 10.35 5.78 6.99
C ALA B 97 9.32 4.68 6.76
N HIS B 98 9.15 3.83 7.78
CA HIS B 98 8.19 2.76 7.71
C HIS B 98 7.52 2.56 9.07
N ILE B 99 6.28 2.10 9.04
CA ILE B 99 5.58 1.62 10.23
C ILE B 99 5.04 0.24 9.94
N GLU B 100 5.39 -0.73 10.78
CA GLU B 100 4.87 -2.08 10.71
C GLU B 100 3.90 -2.31 11.86
N LEU B 101 2.80 -2.99 11.59
CA LEU B 101 1.76 -3.28 12.56
C LEU B 101 1.61 -4.79 12.72
N TYR B 102 1.68 -5.27 13.95
CA TYR B 102 1.59 -6.70 14.25
C TYR B 102 0.37 -6.95 15.09
N PRO B 103 -0.69 -7.55 14.55
CA PRO B 103 -1.87 -7.83 15.39
C PRO B 103 -1.65 -9.08 16.21
N GLU B 104 -2.19 -9.08 17.42
CA GLU B 104 -2.12 -10.19 18.34
C GLU B 104 -3.53 -10.70 18.61
N ALA B 105 -3.61 -11.93 19.12
CA ALA B 105 -4.90 -12.60 19.24
C ALA B 105 -5.83 -11.89 20.22
N ASN B 106 -5.29 -11.22 21.22
CA ASN B 106 -6.11 -10.54 22.21
C ASN B 106 -6.62 -9.18 21.74
N GLY B 107 -6.52 -8.87 20.45
CA GLY B 107 -6.95 -7.59 19.94
C GLY B 107 -5.92 -6.49 20.01
N GLU B 108 -4.73 -6.77 20.53
CA GLU B 108 -3.69 -5.76 20.69
C GLU B 108 -2.88 -5.66 19.40
N ILE B 109 -2.56 -4.43 19.01
CA ILE B 109 -1.79 -4.15 17.81
C ILE B 109 -0.48 -3.51 18.24
N VAL B 110 0.63 -4.20 17.98
CA VAL B 110 1.96 -3.65 18.25
C VAL B 110 2.45 -2.95 16.99
N PHE B 111 2.95 -1.72 17.16
CA PHE B 111 3.47 -0.95 16.04
C PHE B 111 4.93 -0.59 16.32
N GLU B 112 5.70 -0.47 15.23
CA GLU B 112 7.09 -0.04 15.29
C GLU B 112 7.34 0.88 14.12
N ILE B 113 7.90 2.06 14.39
CA ILE B 113 8.22 3.05 13.38
C ILE B 113 9.74 3.19 13.28
N TYR B 114 10.27 2.97 12.08
CA TYR B 114 11.71 2.99 11.84
C TYR B 114 11.98 3.65 10.48
N SER B 115 13.26 3.86 10.20
CA SER B 115 13.69 4.42 8.93
C SER B 115 14.92 3.67 8.44
N ASP B 116 15.15 3.71 7.13
CA ASP B 116 16.28 3.02 6.51
C ASP B 116 17.54 3.90 6.57
N SER B 117 18.59 3.36 7.17
CA SER B 117 19.90 4.01 7.21
C SER B 117 20.76 3.47 6.07
N LYS B 118 21.59 4.33 5.50
CA LYS B 118 22.46 3.95 4.40
C LYS B 118 23.85 3.65 4.94
N GLN B 119 24.40 2.50 4.55
CA GLN B 119 25.70 2.06 5.04
C GLN B 119 26.83 2.89 4.43
N THR B 124 22.61 -3.29 5.35
CA THR B 124 21.42 -2.44 5.45
C THR B 124 20.88 -2.49 6.89
N THR B 125 20.43 -1.35 7.42
CA THR B 125 19.98 -1.29 8.80
C THR B 125 18.78 -0.37 8.95
N GLU B 126 17.91 -0.74 9.88
CA GLU B 126 16.70 0.02 10.21
C GLU B 126 16.92 0.77 11.51
N ILE B 127 16.61 2.05 11.53
CA ILE B 127 16.78 2.88 12.72
C ILE B 127 15.42 3.02 13.40
N VAL B 128 15.33 2.55 14.64
CA VAL B 128 14.06 2.51 15.36
C VAL B 128 13.82 3.87 16.02
N HIS B 129 12.65 4.46 15.75
CA HIS B 129 12.28 5.76 16.30
C HIS B 129 11.20 5.68 17.37
N SER B 130 10.23 4.78 17.22
CA SER B 130 9.13 4.71 18.16
C SER B 130 8.52 3.30 18.15
N GLN B 131 8.11 2.85 19.33
CA GLN B 131 7.40 1.58 19.50
C GLN B 131 6.20 1.83 20.40
N GLY B 132 5.21 0.95 20.31
CA GLY B 132 4.07 1.04 21.20
C GLY B 132 3.04 -0.04 20.87
N SER B 133 1.98 -0.05 21.67
CA SER B 133 0.84 -0.93 21.47
C SER B 133 -0.43 -0.11 21.40
N ALA B 134 -1.45 -0.67 20.74
CA ALA B 134 -2.75 -0.04 20.65
C ALA B 134 -3.83 -1.10 20.80
N VAL B 135 -4.98 -0.68 21.35
CA VAL B 135 -6.16 -1.52 21.45
C VAL B 135 -7.39 -0.68 21.13
N LEU B 136 -8.35 -1.28 20.45
CA LEU B 136 -9.64 -0.67 20.19
C LEU B 136 -10.60 -1.06 21.32
N CYS B 137 -10.87 -0.13 22.21
CA CYS B 137 -11.75 -0.34 23.36
C CYS B 137 -12.91 0.65 23.28
N SER B 138 -13.87 0.48 24.17
CA SER B 138 -14.99 1.41 24.21
C SER B 138 -14.51 2.75 24.78
N ILE B 139 -15.28 3.79 24.52
CA ILE B 139 -14.90 5.15 24.90
C ILE B 139 -15.36 5.43 26.32
N PRO B 140 -14.47 5.85 27.22
CA PRO B 140 -14.89 6.16 28.58
C PRO B 140 -15.66 7.46 28.68
N ASP B 141 -16.57 7.51 29.65
CA ASP B 141 -17.44 8.67 29.84
C ASP B 141 -16.75 9.62 30.81
N ILE B 142 -15.90 10.49 30.27
CA ILE B 142 -15.15 11.45 31.06
C ILE B 142 -15.98 12.71 31.23
N PRO B 143 -16.20 13.19 32.46
CA PRO B 143 -16.98 14.42 32.64
C PRO B 143 -16.24 15.63 32.12
N SER B 144 -17.01 16.56 31.54
CA SER B 144 -16.42 17.78 30.98
C SER B 144 -15.84 18.64 32.09
N PHE B 145 -14.75 19.34 31.75
CA PHE B 145 -14.14 20.28 32.68
C PHE B 145 -14.87 21.62 32.65
N ASP B 146 -14.88 22.28 33.81
CA ASP B 146 -15.34 23.67 33.92
C ASP B 146 -14.12 24.54 33.64
N LEU B 147 -14.01 25.03 32.41
CA LEU B 147 -12.82 25.79 32.01
C LEU B 147 -12.66 27.06 32.82
N SER B 148 -13.75 27.64 33.32
CA SER B 148 -13.64 28.82 34.17
C SER B 148 -12.91 28.50 35.47
N VAL B 149 -13.20 27.34 36.06
CA VAL B 149 -12.53 26.95 37.31
C VAL B 149 -11.05 26.72 37.05
N LEU B 150 -10.71 26.00 35.98
CA LEU B 150 -9.32 25.73 35.68
C LEU B 150 -8.54 27.02 35.42
N GLN B 151 -9.14 27.97 34.70
CA GLN B 151 -8.47 29.23 34.40
C GLN B 151 -8.16 30.00 35.69
N GLU B 152 -9.08 29.99 36.65
CA GLU B 152 -8.82 30.65 37.92
C GLU B 152 -7.70 29.94 38.69
N GLN B 153 -7.73 28.60 38.68
CA GLN B 153 -6.69 27.86 39.38
C GLN B 153 -5.31 28.12 38.81
N CYS B 154 -5.24 28.47 37.52
CA CYS B 154 -3.95 28.69 36.87
C CYS B 154 -3.68 30.18 36.65
N SER B 155 -3.69 30.95 37.73
CA SER B 155 -3.56 32.40 37.65
C SER B 155 -2.26 32.93 38.24
N LEU B 156 -1.29 32.07 38.52
CA LEU B 156 -0.03 32.54 39.07
C LEU B 156 0.67 33.49 38.10
N ARG B 157 0.64 33.17 36.81
CA ARG B 157 1.30 33.95 35.78
C ARG B 157 0.71 33.50 34.45
N THR B 158 0.78 34.38 33.46
CA THR B 158 0.31 34.09 32.12
C THR B 158 1.47 34.29 31.16
N LEU B 159 1.69 33.31 30.29
CA LEU B 159 2.74 33.35 29.29
C LEU B 159 2.14 33.56 27.91
N SER B 160 2.61 34.58 27.20
CA SER B 160 2.17 34.83 25.85
C SER B 160 2.88 33.88 24.89
N ALA B 161 2.38 33.82 23.65
CA ALA B 161 3.05 33.03 22.64
C ALA B 161 4.47 33.49 22.43
N GLU B 162 4.67 34.81 22.36
CA GLU B 162 6.01 35.37 22.19
C GLU B 162 6.94 34.89 23.31
N GLN B 163 6.46 34.87 24.55
CA GLN B 163 7.29 34.41 25.65
C GLN B 163 7.65 32.92 25.50
N CYS B 164 6.68 32.10 25.13
CA CYS B 164 6.94 30.66 25.02
C CYS B 164 7.99 30.39 23.94
N TYR B 165 7.77 30.92 22.73
CA TYR B 165 8.66 30.61 21.62
C TYR B 165 9.97 31.38 21.67
N ASP B 166 10.05 32.45 22.45
CA ASP B 166 11.35 33.03 22.78
C ASP B 166 12.15 32.08 23.66
N ALA B 167 11.50 31.51 24.69
CA ALA B 167 12.17 30.51 25.51
C ALA B 167 12.65 29.33 24.68
N PHE B 168 11.78 28.82 23.78
CA PHE B 168 12.17 27.71 22.92
C PHE B 168 13.37 28.09 22.07
N LYS B 169 13.34 29.27 21.45
CA LYS B 169 14.47 29.72 20.65
C LYS B 169 15.77 29.68 21.45
N LYS B 170 15.71 30.13 22.71
CA LYS B 170 16.90 30.11 23.55
C LYS B 170 17.39 28.69 23.81
N MET B 171 16.47 27.73 23.91
CA MET B 171 16.81 26.33 24.13
C MET B 171 17.22 25.61 22.85
N GLY B 172 17.34 26.33 21.74
CA GLY B 172 17.69 25.69 20.49
C GLY B 172 16.54 25.06 19.76
N VAL B 173 15.30 25.42 20.10
CA VAL B 173 14.11 24.85 19.47
C VAL B 173 13.46 25.95 18.63
N ASP B 174 13.54 25.79 17.31
CA ASP B 174 13.03 26.79 16.35
C ASP B 174 11.73 26.26 15.76
N TYR B 175 10.61 26.78 16.25
CA TYR B 175 9.29 26.39 15.75
C TYR B 175 8.86 27.37 14.66
N GLY B 176 8.56 26.83 13.47
CA GLY B 176 8.05 27.63 12.39
C GLY B 176 6.57 27.92 12.55
N PRO B 177 6.03 28.67 11.60
CA PRO B 177 4.62 29.11 11.73
C PRO B 177 3.66 27.96 11.98
N ALA B 178 3.86 26.82 11.32
CA ALA B 178 2.94 25.70 11.44
C ALA B 178 3.01 25.02 12.80
N HIS B 179 4.03 25.30 13.61
CA HIS B 179 4.20 24.66 14.91
C HIS B 179 4.23 25.68 16.05
N ARG B 180 3.59 26.82 15.85
CA ARG B 180 3.38 27.77 16.93
C ARG B 180 1.90 27.81 17.28
N GLY B 181 1.38 26.68 17.73
CA GLY B 181 -0.02 26.55 18.09
C GLY B 181 -0.37 27.06 19.47
N ILE B 182 0.61 27.43 20.27
CA ILE B 182 0.35 27.97 21.60
C ILE B 182 -0.09 29.42 21.47
N GLU B 183 -1.30 29.73 21.93
CA GLU B 183 -1.73 31.12 22.03
C GLU B 183 -1.31 31.74 23.36
N GLN B 184 -1.42 30.99 24.44
CA GLN B 184 -0.95 31.43 25.75
C GLN B 184 -0.99 30.24 26.69
N ILE B 185 -0.24 30.36 27.79
CA ILE B 185 -0.22 29.34 28.83
C ILE B 185 -0.56 30.01 30.16
N LEU B 186 -1.61 29.51 30.81
CA LEU B 186 -1.97 29.97 32.15
C LEU B 186 -1.31 29.03 33.14
N ILE B 187 -0.51 29.59 34.06
CA ILE B 187 0.33 28.80 34.96
C ILE B 187 -0.35 28.68 36.31
N GLY B 188 -0.40 27.45 36.84
CA GLY B 188 -0.90 27.18 38.16
C GLY B 188 0.12 26.44 38.99
N GLN B 189 -0.30 25.82 40.07
CA GLN B 189 0.59 25.07 40.95
C GLN B 189 0.55 23.60 40.55
N GLU B 190 1.70 23.08 40.09
CA GLU B 190 1.83 21.71 39.62
C GLU B 190 0.94 21.45 38.40
N GLN B 191 0.51 22.49 37.71
CA GLN B 191 -0.32 22.34 36.52
C GLN B 191 -0.30 23.63 35.72
N VAL B 192 -0.58 23.50 34.42
CA VAL B 192 -0.75 24.65 33.53
C VAL B 192 -1.94 24.35 32.63
N LEU B 193 -2.54 25.43 32.10
CA LEU B 193 -3.65 25.33 31.17
C LEU B 193 -3.31 26.18 29.95
N ALA B 194 -3.10 25.51 28.82
CA ALA B 194 -2.62 26.17 27.60
C ALA B 194 -3.73 26.27 26.58
N LYS B 195 -3.92 27.46 26.02
CA LYS B 195 -4.87 27.66 24.93
C LYS B 195 -4.15 27.42 23.60
N LEU B 196 -4.70 26.52 22.80
CA LEU B 196 -4.10 26.12 21.53
C LEU B 196 -5.01 26.49 20.37
N SER B 197 -4.40 26.71 19.20
CA SER B 197 -5.14 27.00 17.99
C SER B 197 -4.33 26.55 16.80
N LEU B 198 -5.01 25.94 15.83
CA LEU B 198 -4.38 25.57 14.57
C LEU B 198 -3.88 26.82 13.85
N PRO B 199 -2.57 26.94 13.62
CA PRO B 199 -2.08 28.12 12.88
C PRO B 199 -2.76 28.27 11.53
N SER B 200 -3.08 29.52 11.18
CA SER B 200 -3.72 29.80 9.89
C SER B 200 -2.89 29.31 8.73
N SER B 201 -1.59 29.09 8.93
CA SER B 201 -0.75 28.57 7.86
C SER B 201 -1.21 27.19 7.38
N VAL B 202 -1.77 26.39 8.29
CA VAL B 202 -2.03 24.98 7.99
C VAL B 202 -3.50 24.61 8.15
N VAL B 203 -4.39 25.61 8.19
CA VAL B 203 -5.81 25.31 8.34
C VAL B 203 -6.31 24.47 7.18
N LYS B 204 -5.73 24.64 5.99
CA LYS B 204 -6.13 23.85 4.84
C LYS B 204 -6.04 22.35 5.12
N THR B 205 -5.09 21.95 5.95
CA THR B 205 -4.80 20.54 6.21
C THR B 205 -5.59 19.97 7.38
N GLN B 206 -6.51 20.73 7.98
CA GLN B 206 -7.18 20.25 9.18
C GLN B 206 -7.82 18.87 8.98
N GLY B 207 -8.40 18.64 7.80
CA GLY B 207 -9.11 17.40 7.57
C GLY B 207 -8.26 16.21 7.22
N GLN B 208 -6.97 16.41 6.99
CA GLN B 208 -6.09 15.31 6.62
C GLN B 208 -5.61 14.51 7.83
N PHE B 209 -5.76 15.04 9.03
CA PHE B 209 -5.26 14.39 10.23
C PHE B 209 -6.38 14.17 11.23
N GLY B 210 -6.25 13.11 12.02
CA GLY B 210 -7.09 12.93 13.18
C GLY B 210 -6.50 13.68 14.35
N LEU B 211 -5.29 13.31 14.74
CA LEU B 211 -4.49 14.05 15.72
C LEU B 211 -3.56 14.96 14.94
N HIS B 212 -3.99 16.20 14.76
CA HIS B 212 -3.21 17.13 13.94
C HIS B 212 -1.85 17.39 14.61
N PRO B 213 -0.73 17.20 13.90
CA PRO B 213 0.58 17.40 14.55
C PRO B 213 0.77 18.81 15.10
N SER B 214 0.14 19.81 14.50
CA SER B 214 0.30 21.18 15.02
C SER B 214 -0.35 21.31 16.39
N LEU B 215 -1.58 20.81 16.54
CA LEU B 215 -2.26 20.90 17.82
C LEU B 215 -1.61 20.00 18.86
N LEU B 216 -1.38 18.73 18.51
CA LEU B 216 -0.85 17.79 19.48
C LEU B 216 0.57 18.17 19.90
N ASP B 217 1.40 18.58 18.94
CA ASP B 217 2.74 19.05 19.32
C ASP B 217 2.65 20.29 20.19
N ALA B 218 1.71 21.18 19.90
CA ALA B 218 1.53 22.36 20.75
C ALA B 218 1.14 21.96 22.16
N ALA B 219 0.30 20.94 22.31
CA ALA B 219 -0.04 20.44 23.63
C ALA B 219 1.20 19.97 24.38
N LEU B 220 2.09 19.23 23.70
CA LEU B 220 3.32 18.79 24.35
C LEU B 220 4.28 19.94 24.58
N GLN B 221 4.30 20.92 23.68
CA GLN B 221 5.08 22.12 23.91
C GLN B 221 4.68 22.79 25.23
N SER B 222 3.38 22.78 25.52
CA SER B 222 2.86 23.53 26.67
C SER B 222 3.41 23.01 27.99
N SER B 223 3.99 21.80 28.01
CA SER B 223 4.67 21.34 29.22
C SER B 223 5.81 22.27 29.63
N LEU B 224 6.26 23.15 28.73
CA LEU B 224 7.25 24.15 29.11
C LEU B 224 6.78 24.97 30.30
N GLY B 225 5.49 25.25 30.38
CA GLY B 225 4.96 26.01 31.50
C GLY B 225 5.33 25.42 32.85
N LEU B 226 5.35 24.09 32.94
CA LEU B 226 5.73 23.46 34.20
C LEU B 226 7.18 23.77 34.54
N MET B 227 8.04 23.83 33.52
CA MET B 227 9.43 24.22 33.72
C MET B 227 9.54 25.70 34.02
N MET B 228 8.78 26.54 33.32
CA MET B 228 8.85 27.98 33.56
C MET B 228 8.48 28.32 34.99
N ALA B 229 7.63 27.50 35.63
CA ALA B 229 7.40 27.66 37.06
C ALA B 229 8.72 27.69 37.82
N THR B 230 9.65 26.81 37.43
CA THR B 230 10.99 26.84 38.01
C THR B 230 11.82 27.99 37.48
N SER B 231 11.43 28.56 36.33
CA SER B 231 12.15 29.67 35.71
C SER B 231 13.47 29.21 35.10
N ASP B 232 14.32 28.58 35.89
CA ASP B 232 15.61 28.08 35.40
C ASP B 232 15.39 27.25 34.15
N PHE B 233 16.06 27.63 33.07
CA PHE B 233 15.77 27.06 31.76
C PHE B 233 16.41 25.69 31.59
N SER B 234 15.64 24.77 31.02
CA SER B 234 16.15 23.47 30.62
C SER B 234 15.19 22.84 29.63
N LEU B 235 15.74 22.05 28.71
CA LEU B 235 14.97 21.36 27.68
C LEU B 235 14.67 19.96 28.18
N ILE B 236 13.40 19.59 28.19
CA ILE B 236 12.94 18.33 28.79
C ILE B 236 12.00 17.65 27.81
N LEU B 237 12.58 16.78 26.87
CA LEU B 237 11.73 16.12 25.89
C LEU B 237 11.15 14.81 26.44
N PRO B 238 9.98 14.40 25.97
CA PRO B 238 9.42 13.12 26.42
C PRO B 238 10.03 11.93 25.68
N PHE B 239 10.28 10.86 26.43
CA PHE B 239 10.72 9.60 25.85
C PHE B 239 9.71 8.46 25.97
N ALA B 240 8.61 8.64 26.68
CA ALA B 240 7.64 7.55 26.85
C ALA B 240 6.28 8.10 27.24
N LEU B 241 5.25 7.30 26.94
CA LEU B 241 3.86 7.64 27.25
C LEU B 241 3.14 6.37 27.68
N GLU B 242 2.61 6.36 28.90
CA GLU B 242 1.97 5.15 29.41
C GLU B 242 0.64 4.90 28.71
N GLU B 243 -0.16 5.95 28.51
CA GLU B 243 -1.51 5.74 27.98
C GLU B 243 -1.95 6.95 27.19
N MET B 244 -2.73 6.69 26.14
CA MET B 244 -3.42 7.73 25.38
C MET B 244 -4.79 7.18 25.00
N VAL B 245 -5.82 7.99 25.21
CA VAL B 245 -7.20 7.61 24.88
C VAL B 245 -7.75 8.68 23.95
N ILE B 246 -8.14 8.28 22.75
CA ILE B 246 -8.82 9.17 21.82
C ILE B 246 -10.31 9.06 22.10
N VAL B 247 -10.88 10.11 22.66
CA VAL B 247 -12.29 10.12 23.03
C VAL B 247 -13.15 10.71 21.93
N GLY B 248 -12.65 11.73 21.24
CA GLY B 248 -13.40 12.36 20.18
C GLY B 248 -12.49 13.08 19.21
N ASP B 249 -13.10 13.88 18.35
CA ASP B 249 -12.34 14.59 17.34
C ASP B 249 -11.74 15.88 17.92
N CYS B 250 -10.63 16.30 17.32
CA CYS B 250 -9.99 17.56 17.68
C CYS B 250 -10.57 18.71 16.88
N SER B 251 -10.58 19.88 17.50
CA SER B 251 -11.07 21.11 16.88
C SER B 251 -9.90 22.02 16.56
N SER B 252 -10.19 23.12 15.85
CA SER B 252 -9.14 24.06 15.49
C SER B 252 -8.62 24.81 16.71
N SER B 253 -9.48 25.08 17.69
CA SER B 253 -9.08 25.72 18.95
C SER B 253 -9.38 24.78 20.10
N MET B 254 -8.41 24.58 20.98
CA MET B 254 -8.54 23.63 22.06
C MET B 254 -7.76 24.11 23.29
N TRP B 255 -7.86 23.33 24.36
CA TRP B 255 -7.13 23.58 25.60
C TRP B 255 -6.34 22.34 26.00
N ALA B 256 -5.18 22.55 26.60
CA ALA B 256 -4.35 21.48 27.14
C ALA B 256 -4.15 21.70 28.63
N LEU B 257 -4.73 20.82 29.44
CA LEU B 257 -4.54 20.82 30.89
C LEU B 257 -3.42 19.85 31.23
N ILE B 258 -2.29 20.37 31.71
CA ILE B 258 -1.10 19.58 32.00
C ILE B 258 -0.91 19.54 33.51
N ARG B 259 -0.78 18.33 34.05
CA ARG B 259 -0.64 18.12 35.49
C ARG B 259 0.48 17.14 35.79
N TYR B 260 1.26 17.48 36.81
CA TYR B 260 2.31 16.58 37.30
C TYR B 260 1.68 15.37 38.01
N ARG B 261 2.04 14.17 37.57
CA ARG B 261 1.53 12.95 38.19
C ARG B 261 2.01 12.90 39.64
N GLU B 262 1.09 12.59 40.55
CA GLU B 262 1.42 12.67 41.97
C GLU B 262 2.71 11.91 42.27
N GLY B 263 3.57 12.52 43.08
CA GLY B 263 4.89 12.03 43.32
C GLY B 263 5.94 12.55 42.35
N SER B 264 5.53 13.31 41.33
CA SER B 264 6.45 13.90 40.36
C SER B 264 6.52 15.39 40.58
N LYS B 265 7.75 15.93 40.61
CA LYS B 265 7.99 17.35 40.79
C LYS B 265 8.91 17.83 39.68
N ALA B 266 8.91 19.14 39.47
CA ALA B 266 9.85 19.73 38.52
C ALA B 266 11.28 19.56 39.03
N GLY B 267 12.18 19.24 38.11
CA GLY B 267 13.57 19.01 38.46
C GLY B 267 13.94 17.58 38.74
N ASP B 268 13.00 16.64 38.61
CA ASP B 268 13.31 15.25 38.84
C ASP B 268 14.09 14.66 37.67
N ARG B 269 14.85 13.60 37.96
CA ARG B 269 15.58 12.91 36.91
C ARG B 269 14.65 12.43 35.80
N VAL B 270 13.43 12.04 36.15
CA VAL B 270 12.40 11.66 35.19
C VAL B 270 11.11 12.36 35.62
N GLU B 271 10.69 13.37 34.86
CA GLU B 271 9.47 14.11 35.17
C GLU B 271 8.28 13.43 34.50
N LYS B 272 7.21 13.24 35.28
CA LYS B 272 6.01 12.53 34.83
C LYS B 272 4.83 13.47 34.89
N PHE B 273 4.06 13.53 33.80
CA PHE B 273 2.89 14.40 33.76
C PHE B 273 1.83 13.85 32.82
N ASP B 274 0.61 14.37 32.98
CA ASP B 274 -0.55 13.99 32.19
C ASP B 274 -1.04 15.22 31.42
N ILE B 275 -1.67 14.97 30.27
CA ILE B 275 -2.18 16.03 29.40
C ILE B 275 -3.59 15.67 28.95
N ASP B 276 -4.53 16.58 29.19
CA ASP B 276 -5.89 16.47 28.67
C ASP B 276 -6.12 17.52 27.59
N LEU B 277 -6.45 17.09 26.38
CA LEU B 277 -6.84 17.99 25.30
C LEU B 277 -8.36 18.16 25.33
N CYS B 278 -8.82 19.38 25.51
CA CYS B 278 -10.24 19.67 25.69
C CYS B 278 -10.72 20.62 24.61
N ASP B 279 -12.00 20.54 24.30
CA ASP B 279 -12.61 21.45 23.34
C ASP B 279 -13.04 22.74 24.07
N GLU B 280 -13.65 23.66 23.33
CA GLU B 280 -14.01 24.96 23.89
C GLU B 280 -14.94 24.84 25.08
N ASN B 281 -15.68 23.74 25.20
CA ASN B 281 -16.65 23.57 26.27
C ASN B 281 -16.11 22.75 27.44
N GLY B 282 -14.86 22.31 27.38
CA GLY B 282 -14.27 21.51 28.42
C GLY B 282 -14.38 20.01 28.23
N ASN B 283 -14.97 19.56 27.14
CA ASN B 283 -15.04 18.13 26.86
C ASN B 283 -13.64 17.59 26.56
N VAL B 284 -13.32 16.45 27.15
CA VAL B 284 -12.02 15.82 26.96
C VAL B 284 -12.06 15.00 25.67
N GLN B 285 -11.33 15.44 24.66
CA GLN B 285 -11.27 14.72 23.40
C GLN B 285 -10.11 13.74 23.33
N VAL B 286 -9.00 14.06 23.98
CA VAL B 286 -7.83 13.17 24.03
C VAL B 286 -7.25 13.25 25.42
N ARG B 287 -7.11 12.09 26.07
CA ARG B 287 -6.55 11.99 27.41
C ARG B 287 -5.22 11.24 27.33
N MET B 288 -4.15 11.90 27.77
CA MET B 288 -2.82 11.30 27.79
C MET B 288 -2.36 11.20 29.24
N LYS B 289 -1.93 10.00 29.62
CA LYS B 289 -1.52 9.72 31.00
C LYS B 289 -0.13 9.11 31.00
N GLY B 290 0.75 9.66 31.83
CA GLY B 290 2.03 9.03 32.06
C GLY B 290 3.12 9.34 31.05
N PHE B 291 3.20 10.60 30.60
CA PHE B 291 4.40 11.06 29.90
C PHE B 291 5.58 10.93 30.85
N SER B 292 6.70 10.44 30.35
CA SER B 292 7.96 10.44 31.06
C SER B 292 8.94 11.25 30.22
N THR B 293 9.69 12.13 30.87
CA THR B 293 10.57 13.04 30.16
C THR B 293 11.90 13.19 30.90
N ARG B 294 12.94 13.44 30.12
CA ARG B 294 14.30 13.59 30.61
C ARG B 294 14.86 14.93 30.15
N LYS B 295 15.68 15.53 31.00
CA LYS B 295 16.32 16.80 30.68
C LYS B 295 17.53 16.50 29.80
N ILE B 296 17.57 17.14 28.63
CA ILE B 296 18.66 16.94 27.68
C ILE B 296 19.54 18.16 27.49
N ALA B 297 19.11 19.34 27.93
CA ALA B 297 19.97 20.52 27.84
C ALA B 297 19.63 21.51 28.94
N ASN B 298 20.68 22.12 29.50
CA ASN B 298 20.57 23.17 30.50
C ASN B 298 20.69 24.53 29.83
N VAL B 299 19.80 25.46 30.17
CA VAL B 299 19.84 26.81 29.64
C VAL B 299 19.99 26.80 28.13
#